data_1RHQ
#
_entry.id   1RHQ
#
_cell.length_a   110.300
_cell.length_b   96.900
_cell.length_c   70.900
_cell.angle_alpha   90.00
_cell.angle_beta   128.06
_cell.angle_gamma   90.00
#
_symmetry.space_group_name_H-M   'C 1 2 1'
#
loop_
_entity.id
_entity.type
_entity.pdbx_description
1 polymer Caspase-3
2 polymer Caspase-3
3 non-polymer '5-S-benzyl-3-({N-[(5-bromo-2-methoxyphenyl)acetyl]-L-valyl}amino)-2,3-dideoxy-5-thio-D-erythro-pentonic acid'
#
loop_
_entity_poly.entity_id
_entity_poly.type
_entity_poly.pdbx_seq_one_letter_code
_entity_poly.pdbx_strand_id
1 'polypeptide(L)'
;SGISLDNSYKMDYPEMGLCIIINNKNFHKSTGMTSRSGTDVDAANLRETFRNLKYEVRNKNDLTREEIVELMRDVSKEDH
SKRSSFVCVLLSHGEEGIIFGTNGPVDLKKITNFFRGDRCRSLTGKPKLFIIQACRGTELDCGIETD
;
A,D
2 'polypeptide(L)'
;SGVDDDMACHKIPVEADFLYAYSTAPGYYSWRNSKDGSWFIQSLCAMLKQYADKLEFMHILTRVNRKVATEFESFSFDAT
FHAKKQIPCIVSMLTKELYFYH
;
B,E
#
# COMPACT_ATOMS: atom_id res chain seq x y z
N ASP A 6 8.99 -13.93 -15.75
CA ASP A 6 10.02 -12.87 -15.70
C ASP A 6 9.64 -11.77 -14.71
N ASN A 7 10.27 -10.60 -14.82
CA ASN A 7 9.98 -9.50 -13.91
C ASN A 7 8.53 -9.02 -14.10
N SER A 8 8.08 -9.05 -15.35
CA SER A 8 6.73 -8.66 -15.74
C SER A 8 5.75 -9.85 -15.69
N TYR A 9 4.49 -9.58 -15.33
CA TYR A 9 3.43 -10.58 -15.21
C TYR A 9 3.03 -11.18 -16.56
N LYS A 10 2.46 -12.39 -16.55
CA LYS A 10 2.01 -13.04 -17.78
C LYS A 10 0.64 -12.48 -18.18
N MET A 11 0.60 -11.82 -19.35
CA MET A 11 -0.63 -11.20 -19.86
C MET A 11 -0.92 -11.51 -21.35
N ASP A 12 -1.17 -12.78 -21.67
CA ASP A 12 -1.47 -13.13 -23.03
C ASP A 12 -2.24 -14.44 -23.19
N TYR A 13 -3.23 -14.64 -22.33
CA TYR A 13 -4.05 -15.83 -22.41
C TYR A 13 -5.17 -15.50 -23.39
N PRO A 14 -5.84 -16.51 -23.96
CA PRO A 14 -6.92 -16.24 -24.91
C PRO A 14 -7.96 -15.19 -24.48
N GLU A 15 -7.95 -14.84 -23.19
CA GLU A 15 -8.87 -13.86 -22.62
C GLU A 15 -7.96 -12.97 -21.81
N MET A 16 -8.25 -11.68 -21.72
CA MET A 16 -7.40 -10.82 -20.94
C MET A 16 -7.90 -10.78 -19.51
N GLY A 17 -9.21 -10.60 -19.33
CA GLY A 17 -9.75 -10.55 -17.98
C GLY A 17 -11.25 -10.51 -17.84
N LEU A 18 -11.68 -10.16 -16.63
CA LEU A 18 -13.08 -10.05 -16.24
C LEU A 18 -13.10 -8.91 -15.22
N CYS A 19 -13.51 -7.74 -15.67
CA CYS A 19 -13.53 -6.54 -14.82
C CYS A 19 -14.88 -6.28 -14.13
N ILE A 20 -15.05 -6.69 -12.87
CA ILE A 20 -16.34 -6.49 -12.17
C ILE A 20 -16.54 -5.16 -11.38
N ILE A 21 -17.24 -4.20 -12.02
CA ILE A 21 -17.54 -2.90 -11.41
C ILE A 21 -18.87 -2.89 -10.64
N ILE A 22 -18.82 -2.87 -9.31
CA ILE A 22 -20.05 -2.86 -8.57
C ILE A 22 -20.38 -1.46 -8.14
N ASN A 23 -21.19 -0.81 -8.96
CA ASN A 23 -21.64 0.56 -8.74
C ASN A 23 -22.78 0.54 -7.73
N ASN A 24 -22.59 1.23 -6.60
CA ASN A 24 -23.63 1.32 -5.58
C ASN A 24 -23.89 2.80 -5.49
N LYS A 25 -25.15 3.20 -5.36
CA LYS A 25 -25.43 4.64 -5.29
C LYS A 25 -26.65 5.02 -4.47
N ASN A 26 -27.75 4.29 -4.64
CA ASN A 26 -28.95 4.59 -3.89
C ASN A 26 -29.07 3.68 -2.68
N PHE A 27 -28.76 4.25 -1.52
CA PHE A 27 -28.78 3.53 -0.25
C PHE A 27 -30.11 3.53 0.46
N HIS A 28 -30.53 2.34 0.88
CA HIS A 28 -31.78 2.21 1.60
C HIS A 28 -31.84 3.29 2.66
N LYS A 29 -32.95 4.02 2.66
CA LYS A 29 -33.20 5.15 3.56
C LYS A 29 -32.96 4.83 5.03
N SER A 30 -33.35 3.63 5.44
CA SER A 30 -33.20 3.22 6.82
C SER A 30 -31.74 3.33 7.27
N THR A 31 -30.82 3.00 6.37
CA THR A 31 -29.40 3.06 6.68
C THR A 31 -28.97 4.51 6.85
N GLY A 32 -29.86 5.43 6.51
CA GLY A 32 -29.54 6.83 6.63
C GLY A 32 -28.23 7.15 5.91
N MET A 33 -28.06 6.57 4.72
CA MET A 33 -26.88 6.78 3.90
C MET A 33 -27.14 7.73 2.74
N THR A 34 -26.39 8.84 2.70
CA THR A 34 -26.54 9.84 1.64
C THR A 34 -26.38 9.19 0.28
N SER A 35 -26.77 9.89 -0.77
CA SER A 35 -26.64 9.33 -2.11
C SER A 35 -25.33 9.76 -2.74
N ARG A 36 -24.90 9.00 -3.75
CA ARG A 36 -23.65 9.29 -4.44
C ARG A 36 -23.82 9.90 -5.82
N SER A 37 -24.07 11.20 -5.86
CA SER A 37 -24.29 11.93 -7.12
C SER A 37 -23.18 11.90 -8.19
N GLY A 38 -23.29 10.95 -9.12
CA GLY A 38 -22.31 10.87 -10.19
C GLY A 38 -21.51 9.59 -10.32
N THR A 39 -21.79 8.58 -9.48
CA THR A 39 -21.05 7.31 -9.56
C THR A 39 -21.14 6.81 -10.98
N ASP A 40 -22.32 7.03 -11.55
CA ASP A 40 -22.63 6.62 -12.90
C ASP A 40 -21.60 7.16 -13.90
N VAL A 41 -21.23 8.42 -13.75
CA VAL A 41 -20.23 9.00 -14.65
C VAL A 41 -19.03 8.08 -14.56
N ASP A 42 -18.59 7.85 -13.33
CA ASP A 42 -17.48 6.97 -13.07
C ASP A 42 -17.86 5.66 -13.78
N ALA A 43 -18.62 4.82 -13.09
CA ALA A 43 -19.07 3.53 -13.61
C ALA A 43 -19.17 3.48 -15.12
N ALA A 44 -19.58 4.59 -15.72
CA ALA A 44 -19.72 4.67 -17.17
C ALA A 44 -18.36 4.81 -17.81
N ASN A 45 -17.54 5.68 -17.22
CA ASN A 45 -16.16 5.94 -17.67
C ASN A 45 -15.28 4.69 -17.50
N LEU A 46 -15.29 4.13 -16.29
CA LEU A 46 -14.51 2.92 -16.03
C LEU A 46 -15.01 1.85 -17.00
N ARG A 47 -16.32 1.67 -17.04
CA ARG A 47 -16.89 0.64 -17.91
C ARG A 47 -16.30 0.74 -19.30
N GLU A 48 -16.02 1.96 -19.74
CA GLU A 48 -15.47 2.15 -21.07
C GLU A 48 -13.96 1.96 -21.02
N THR A 49 -13.34 2.47 -19.97
CA THR A 49 -11.90 2.36 -19.82
C THR A 49 -11.36 0.92 -19.78
N PHE A 50 -12.12 -0.01 -19.21
CA PHE A 50 -11.66 -1.42 -19.13
C PHE A 50 -12.24 -2.26 -20.25
N ARG A 51 -13.17 -1.68 -21.00
CA ARG A 51 -13.77 -2.36 -22.12
C ARG A 51 -12.76 -2.19 -23.26
N ASN A 52 -12.03 -1.07 -23.21
CA ASN A 52 -11.04 -0.73 -24.20
C ASN A 52 -9.74 -1.52 -24.08
N LEU A 53 -9.70 -2.50 -23.18
CA LEU A 53 -8.48 -3.27 -23.00
C LEU A 53 -8.78 -4.75 -22.87
N LYS A 54 -9.83 -5.19 -23.53
CA LYS A 54 -10.26 -6.59 -23.52
C LYS A 54 -10.79 -7.19 -22.21
N TYR A 55 -11.64 -6.46 -21.47
CA TYR A 55 -12.17 -7.00 -20.23
C TYR A 55 -13.67 -7.23 -20.24
N GLU A 56 -14.08 -8.41 -19.83
CA GLU A 56 -15.50 -8.71 -19.77
C GLU A 56 -15.97 -7.90 -18.57
N VAL A 57 -16.40 -6.68 -18.80
CA VAL A 57 -16.92 -5.85 -17.71
C VAL A 57 -18.38 -6.19 -17.50
N ARG A 58 -18.83 -6.21 -16.25
CA ARG A 58 -20.22 -6.49 -15.90
C ARG A 58 -20.59 -5.49 -14.82
N ASN A 59 -21.36 -4.46 -15.15
CA ASN A 59 -21.73 -3.45 -14.15
C ASN A 59 -23.01 -3.82 -13.41
N LYS A 60 -22.91 -4.03 -12.11
CA LYS A 60 -24.07 -4.37 -11.29
C LYS A 60 -24.26 -3.18 -10.39
N ASN A 61 -25.52 -2.82 -10.11
CA ASN A 61 -25.78 -1.64 -9.29
C ASN A 61 -26.58 -1.91 -8.04
N ASP A 62 -26.56 -0.93 -7.15
CA ASP A 62 -27.26 -0.97 -5.88
C ASP A 62 -27.51 -2.37 -5.34
N LEU A 63 -26.44 -3.09 -5.06
CA LEU A 63 -26.54 -4.44 -4.53
C LEU A 63 -26.44 -4.28 -3.02
N THR A 64 -26.83 -5.30 -2.27
CA THR A 64 -26.74 -5.23 -0.81
C THR A 64 -25.51 -5.99 -0.34
N ARG A 65 -25.11 -5.79 0.90
CA ARG A 65 -23.95 -6.49 1.42
C ARG A 65 -24.18 -7.97 1.18
N GLU A 66 -25.38 -8.44 1.50
CA GLU A 66 -25.73 -9.86 1.32
C GLU A 66 -26.16 -10.06 -0.11
N GLU A 67 -25.47 -9.40 -1.02
CA GLU A 67 -25.76 -9.50 -2.44
C GLU A 67 -24.41 -9.46 -3.08
N ILE A 68 -23.57 -8.57 -2.56
CA ILE A 68 -22.21 -8.37 -3.04
C ILE A 68 -21.39 -9.64 -2.77
N VAL A 69 -21.53 -10.19 -1.57
CA VAL A 69 -20.79 -11.38 -1.22
C VAL A 69 -21.14 -12.52 -2.19
N GLU A 70 -22.42 -12.78 -2.36
CA GLU A 70 -22.85 -13.84 -3.28
C GLU A 70 -22.13 -13.62 -4.59
N LEU A 71 -22.35 -12.45 -5.16
CA LEU A 71 -21.72 -12.11 -6.41
C LEU A 71 -20.31 -12.65 -6.38
N MET A 72 -19.56 -12.19 -5.39
CA MET A 72 -18.18 -12.62 -5.24
C MET A 72 -18.12 -14.14 -5.22
N ARG A 73 -18.58 -14.76 -4.14
CA ARG A 73 -18.57 -16.23 -4.02
C ARG A 73 -18.94 -16.88 -5.34
N ASP A 74 -19.66 -16.15 -6.17
CA ASP A 74 -20.09 -16.66 -7.46
C ASP A 74 -18.98 -16.48 -8.49
N VAL A 75 -18.31 -15.34 -8.43
CA VAL A 75 -17.23 -15.04 -9.35
C VAL A 75 -16.00 -15.89 -9.08
N SER A 76 -15.61 -16.01 -7.81
CA SER A 76 -14.44 -16.81 -7.42
C SER A 76 -14.59 -18.30 -7.75
N LYS A 77 -15.84 -18.76 -7.79
CA LYS A 77 -16.16 -20.15 -8.13
C LYS A 77 -16.42 -20.16 -9.61
N GLU A 78 -15.38 -19.92 -10.38
CA GLU A 78 -15.55 -19.85 -11.81
C GLU A 78 -14.26 -20.24 -12.48
N ASP A 79 -14.36 -20.83 -13.67
CA ASP A 79 -13.16 -21.19 -14.38
C ASP A 79 -12.56 -19.91 -14.92
N HIS A 80 -11.35 -19.60 -14.47
CA HIS A 80 -10.62 -18.42 -14.88
C HIS A 80 -9.31 -19.00 -15.40
N SER A 81 -9.33 -20.31 -15.63
CA SER A 81 -8.15 -21.01 -16.09
C SER A 81 -7.46 -20.34 -17.25
N LYS A 82 -8.26 -19.81 -18.16
CA LYS A 82 -7.73 -19.17 -19.36
C LYS A 82 -7.74 -17.63 -19.39
N ARG A 83 -7.79 -16.99 -18.23
CA ARG A 83 -7.84 -15.53 -18.12
C ARG A 83 -6.62 -14.90 -17.42
N SER A 84 -6.09 -13.80 -17.98
CA SER A 84 -4.91 -13.12 -17.44
C SER A 84 -5.00 -12.21 -16.21
N SER A 85 -6.19 -12.04 -15.62
CA SER A 85 -6.28 -11.17 -14.46
C SER A 85 -7.70 -11.04 -13.94
N PHE A 86 -7.90 -10.17 -12.96
CA PHE A 86 -9.22 -9.93 -12.40
C PHE A 86 -9.28 -8.56 -11.76
N VAL A 87 -9.94 -7.61 -12.43
CA VAL A 87 -10.10 -6.26 -11.90
C VAL A 87 -11.45 -6.14 -11.21
N CYS A 88 -11.49 -5.64 -9.97
CA CYS A 88 -12.77 -5.50 -9.29
C CYS A 88 -13.10 -4.16 -8.68
N VAL A 89 -13.46 -3.24 -9.56
CA VAL A 89 -13.83 -1.91 -9.15
C VAL A 89 -15.04 -1.95 -8.21
N LEU A 90 -14.99 -1.10 -7.19
CA LEU A 90 -16.05 -0.98 -6.22
C LEU A 90 -16.36 0.49 -6.18
N LEU A 91 -17.61 0.81 -5.88
CA LEU A 91 -18.05 2.19 -5.78
C LEU A 91 -19.13 2.20 -4.74
N SER A 92 -18.93 2.99 -3.69
CA SER A 92 -19.89 3.05 -2.62
C SER A 92 -19.37 4.03 -1.56
N HIS A 93 -19.88 3.91 -0.34
CA HIS A 93 -19.43 4.76 0.75
C HIS A 93 -18.66 3.85 1.66
N GLY A 94 -18.33 4.30 2.86
CA GLY A 94 -17.58 3.44 3.76
C GLY A 94 -16.74 4.02 4.88
N GLU A 95 -16.31 3.12 5.74
CA GLU A 95 -15.46 3.42 6.87
C GLU A 95 -14.25 2.58 6.56
N GLU A 96 -13.17 2.77 7.32
CA GLU A 96 -11.94 2.00 7.12
C GLU A 96 -12.23 0.49 7.08
N GLY A 97 -11.63 -0.22 6.14
CA GLY A 97 -11.87 -1.66 6.06
C GLY A 97 -13.29 -2.05 5.67
N ILE A 98 -14.27 -1.24 6.07
CA ILE A 98 -15.67 -1.50 5.74
C ILE A 98 -15.95 -1.22 4.25
N ILE A 99 -17.21 -1.41 3.83
CA ILE A 99 -17.65 -1.17 2.46
C ILE A 99 -19.17 -1.32 2.50
N PHE A 100 -19.89 -0.32 2.02
CA PHE A 100 -21.34 -0.36 2.07
C PHE A 100 -22.19 -0.99 0.96
N GLY A 101 -23.17 -1.77 1.38
CA GLY A 101 -24.12 -2.39 0.47
C GLY A 101 -25.33 -1.49 0.56
N THR A 102 -26.41 -1.81 -0.13
CA THR A 102 -27.61 -0.97 -0.09
C THR A 102 -28.54 -1.23 1.10
N ASN A 103 -27.97 -1.67 2.22
CA ASN A 103 -28.73 -1.94 3.44
C ASN A 103 -27.85 -1.68 4.65
N GLY A 104 -26.56 -1.99 4.52
CA GLY A 104 -25.66 -1.76 5.62
C GLY A 104 -24.23 -2.13 5.27
N PRO A 105 -23.29 -1.92 6.21
CA PRO A 105 -21.88 -2.23 6.01
C PRO A 105 -21.54 -3.68 5.74
N VAL A 106 -20.32 -3.88 5.28
CA VAL A 106 -19.77 -5.20 5.02
C VAL A 106 -18.25 -5.02 5.13
N ASP A 107 -17.54 -6.11 5.32
CA ASP A 107 -16.11 -6.04 5.48
C ASP A 107 -15.34 -6.33 4.21
N LEU A 108 -14.46 -5.40 3.89
CA LEU A 108 -13.65 -5.50 2.70
C LEU A 108 -12.90 -6.82 2.64
N LYS A 109 -12.36 -7.26 3.78
CA LYS A 109 -11.59 -8.51 3.84
C LYS A 109 -12.35 -9.78 3.45
N LYS A 110 -13.48 -10.07 4.11
CA LYS A 110 -14.22 -11.30 3.77
C LYS A 110 -14.79 -11.25 2.36
N ILE A 111 -14.35 -10.24 1.62
CA ILE A 111 -14.75 -10.07 0.23
C ILE A 111 -13.61 -10.62 -0.61
N THR A 112 -12.44 -10.03 -0.38
CA THR A 112 -11.23 -10.40 -1.07
C THR A 112 -10.84 -11.87 -0.84
N ASN A 113 -11.22 -12.41 0.32
CA ASN A 113 -10.93 -13.79 0.68
C ASN A 113 -11.20 -14.82 -0.39
N PHE A 114 -12.36 -14.72 -1.04
CA PHE A 114 -12.70 -15.71 -2.05
C PHE A 114 -11.70 -15.82 -3.19
N PHE A 115 -10.68 -14.96 -3.19
CA PHE A 115 -9.69 -15.00 -4.26
C PHE A 115 -8.31 -15.42 -3.77
N ARG A 116 -8.17 -15.39 -2.45
CA ARG A 116 -6.96 -15.75 -1.71
C ARG A 116 -6.31 -17.08 -2.15
N GLY A 117 -5.13 -16.97 -2.76
CA GLY A 117 -4.38 -18.12 -3.24
C GLY A 117 -5.07 -19.46 -3.33
N ASP A 118 -5.37 -20.06 -2.18
CA ASP A 118 -6.01 -21.38 -2.11
C ASP A 118 -7.50 -21.43 -2.40
N ARG A 119 -8.14 -20.28 -2.32
CA ARG A 119 -9.58 -20.16 -2.57
C ARG A 119 -9.81 -20.20 -4.09
N CYS A 120 -9.49 -19.08 -4.74
CA CYS A 120 -9.62 -18.94 -6.17
C CYS A 120 -8.33 -19.47 -6.79
N ARG A 121 -8.38 -20.71 -7.26
CA ARG A 121 -7.21 -21.37 -7.83
C ARG A 121 -6.82 -20.83 -9.19
N SER A 122 -7.72 -20.97 -10.16
CA SER A 122 -7.46 -20.48 -11.50
C SER A 122 -6.73 -19.15 -11.39
N LEU A 123 -7.14 -18.32 -10.45
CA LEU A 123 -6.48 -17.05 -10.25
C LEU A 123 -5.35 -17.17 -9.22
N THR A 124 -4.32 -17.93 -9.58
CA THR A 124 -3.16 -18.09 -8.70
C THR A 124 -1.98 -17.74 -9.57
N GLY A 125 -1.23 -16.72 -9.16
CA GLY A 125 -0.10 -16.30 -9.97
C GLY A 125 -0.66 -15.37 -11.03
N LYS A 126 -1.82 -14.82 -10.73
CA LYS A 126 -2.51 -13.89 -11.60
C LYS A 126 -2.94 -12.70 -10.77
N PRO A 127 -2.68 -11.48 -11.25
CA PRO A 127 -3.04 -10.26 -10.55
C PRO A 127 -4.52 -10.10 -10.20
N LYS A 128 -4.80 -9.86 -8.93
CA LYS A 128 -6.16 -9.60 -8.48
C LYS A 128 -6.08 -8.11 -8.13
N LEU A 129 -6.67 -7.26 -8.96
CA LEU A 129 -6.62 -5.82 -8.72
C LEU A 129 -7.95 -5.36 -8.14
N PHE A 130 -7.93 -4.79 -6.94
CA PHE A 130 -9.17 -4.31 -6.33
C PHE A 130 -9.15 -2.81 -6.21
N ILE A 131 -9.72 -2.13 -7.18
CA ILE A 131 -9.77 -0.68 -7.10
C ILE A 131 -11.01 -0.39 -6.26
N ILE A 132 -10.84 0.47 -5.27
CA ILE A 132 -11.91 0.84 -4.35
C ILE A 132 -12.07 2.34 -4.28
N GLN A 133 -13.28 2.81 -4.55
CA GLN A 133 -13.60 4.24 -4.52
C GLN A 133 -14.69 4.52 -3.47
N ALA A 134 -14.24 4.90 -2.27
CA ALA A 134 -15.14 5.18 -1.15
C ALA A 134 -14.39 5.80 0.01
N CYS A 135 -15.13 6.16 1.06
CA CYS A 135 -14.54 6.76 2.25
C CYS A 135 -13.80 5.71 3.07
N ARG A 136 -12.65 6.11 3.62
CA ARG A 136 -11.84 5.23 4.45
C ARG A 136 -11.80 5.80 5.86
N GLY A 137 -12.90 6.39 6.31
CA GLY A 137 -12.91 6.98 7.63
C GLY A 137 -13.51 8.35 7.49
N THR A 138 -13.07 9.30 8.32
CA THR A 138 -13.63 10.65 8.24
C THR A 138 -12.67 11.81 8.57
N GLU A 139 -11.42 11.70 8.18
CA GLU A 139 -10.48 12.80 8.45
C GLU A 139 -10.52 13.77 7.28
N LEU A 140 -9.99 14.97 7.47
CA LEU A 140 -9.97 15.97 6.42
C LEU A 140 -8.52 16.37 6.15
N ASP A 141 -8.18 16.52 4.88
CA ASP A 141 -6.82 16.90 4.51
C ASP A 141 -6.73 18.38 4.12
N CYS A 142 -6.21 19.20 5.03
CA CYS A 142 -6.08 20.62 4.77
C CYS A 142 -5.00 20.95 3.75
N GLY A 143 -3.92 20.19 3.75
CA GLY A 143 -2.85 20.44 2.80
C GLY A 143 -1.95 21.56 3.28
N ILE A 144 -0.92 21.86 2.50
CA ILE A 144 0.03 22.91 2.87
C ILE A 144 0.76 23.41 1.62
N GLU A 145 1.73 24.31 1.82
CA GLU A 145 2.55 24.88 0.76
C GLU A 145 1.78 25.95 0.00
N LYS B 11 4.61 -23.74 -4.24
CA LYS B 11 4.14 -23.32 -2.87
C LYS B 11 4.38 -21.82 -2.64
N ILE B 12 3.34 -20.98 -2.83
CA ILE B 12 3.51 -19.53 -2.63
C ILE B 12 2.48 -18.88 -1.72
N PRO B 13 2.81 -17.71 -1.15
CA PRO B 13 1.93 -16.96 -0.26
C PRO B 13 0.57 -16.74 -0.90
N VAL B 14 -0.51 -16.83 -0.12
CA VAL B 14 -1.85 -16.63 -0.68
C VAL B 14 -2.30 -15.18 -0.76
N GLU B 15 -1.67 -14.29 0.02
CA GLU B 15 -2.03 -12.89 0.02
C GLU B 15 -1.28 -12.11 -1.04
N ALA B 16 -0.40 -12.80 -1.77
CA ALA B 16 0.38 -12.17 -2.81
C ALA B 16 -0.36 -12.16 -4.14
N ASP B 17 0.05 -11.24 -5.01
CA ASP B 17 -0.56 -11.06 -6.30
C ASP B 17 -1.80 -10.22 -6.15
N PHE B 18 -1.97 -9.62 -4.98
CA PHE B 18 -3.10 -8.77 -4.75
C PHE B 18 -2.62 -7.36 -4.99
N LEU B 19 -3.56 -6.43 -5.01
CA LEU B 19 -3.27 -5.02 -5.24
C LEU B 19 -4.50 -4.21 -4.91
N TYR B 20 -4.32 -3.22 -4.07
CA TYR B 20 -5.42 -2.39 -3.66
C TYR B 20 -5.06 -0.95 -3.94
N ALA B 21 -5.72 -0.33 -4.89
CA ALA B 21 -5.43 1.07 -5.16
C ALA B 21 -6.64 1.84 -4.64
N TYR B 22 -6.54 2.35 -3.42
CA TYR B 22 -7.60 3.10 -2.78
C TYR B 22 -7.67 4.54 -3.33
N SER B 23 -8.85 5.14 -3.28
CA SER B 23 -9.06 6.49 -3.76
C SER B 23 -8.47 7.49 -2.79
N THR B 24 -8.39 7.08 -1.53
CA THR B 24 -7.83 7.93 -0.50
C THR B 24 -6.97 7.13 0.46
N ALA B 25 -6.30 7.84 1.35
CA ALA B 25 -5.43 7.24 2.36
C ALA B 25 -6.29 6.89 3.55
N PRO B 26 -5.79 5.97 4.39
CA PRO B 26 -6.44 5.46 5.61
C PRO B 26 -6.97 6.47 6.62
N GLY B 27 -8.26 6.42 6.92
CA GLY B 27 -8.87 7.31 7.88
C GLY B 27 -9.52 8.57 7.33
N TYR B 28 -9.21 8.90 6.08
CA TYR B 28 -9.72 10.08 5.41
C TYR B 28 -10.99 9.92 4.61
N TYR B 29 -11.52 11.06 4.15
CA TYR B 29 -12.72 11.12 3.34
C TYR B 29 -12.29 11.06 1.88
N SER B 30 -13.17 10.54 1.02
CA SER B 30 -12.87 10.49 -0.40
C SER B 30 -13.79 11.47 -1.08
N TRP B 31 -13.23 12.26 -1.98
CA TRP B 31 -13.99 13.25 -2.71
C TRP B 31 -14.47 12.77 -4.07
N ARG B 32 -15.72 13.08 -4.35
CA ARG B 32 -16.42 12.72 -5.58
C ARG B 32 -17.21 13.95 -6.05
N ASN B 33 -17.28 14.18 -7.35
CA ASN B 33 -17.99 15.34 -7.91
C ASN B 33 -19.44 15.06 -8.36
N SER B 34 -20.37 15.83 -7.78
CA SER B 34 -21.79 15.67 -8.09
C SER B 34 -22.06 15.78 -9.58
N LYS B 35 -21.04 16.18 -10.33
CA LYS B 35 -21.18 16.31 -11.78
C LYS B 35 -20.29 15.33 -12.55
N ASP B 36 -18.98 15.56 -12.55
CA ASP B 36 -18.06 14.71 -13.28
C ASP B 36 -17.79 13.30 -12.75
N GLY B 37 -17.61 13.16 -11.44
CA GLY B 37 -17.35 11.83 -10.90
C GLY B 37 -16.14 11.86 -9.99
N SER B 38 -15.96 10.81 -9.21
CA SER B 38 -14.85 10.71 -8.29
C SER B 38 -13.55 11.30 -8.80
N TRP B 39 -12.89 12.10 -7.97
CA TRP B 39 -11.61 12.67 -8.32
C TRP B 39 -10.78 11.50 -8.82
N PHE B 40 -10.35 10.70 -7.86
CA PHE B 40 -9.54 9.54 -8.13
C PHE B 40 -10.00 8.70 -9.31
N ILE B 41 -11.30 8.50 -9.45
CA ILE B 41 -11.79 7.67 -10.54
C ILE B 41 -11.65 8.23 -11.93
N GLN B 42 -11.71 9.54 -12.07
CA GLN B 42 -11.58 10.13 -13.39
C GLN B 42 -10.10 10.19 -13.73
N SER B 43 -9.32 10.81 -12.85
CA SER B 43 -7.89 10.92 -13.08
C SER B 43 -7.35 9.54 -13.44
N LEU B 44 -7.98 8.51 -12.90
CA LEU B 44 -7.57 7.15 -13.17
C LEU B 44 -7.73 6.78 -14.62
N CYS B 45 -8.98 6.72 -15.08
CA CYS B 45 -9.28 6.37 -16.47
C CYS B 45 -8.48 7.28 -17.36
N ALA B 46 -8.39 8.53 -16.95
CA ALA B 46 -7.67 9.57 -17.67
C ALA B 46 -6.20 9.24 -17.90
N MET B 47 -5.62 8.46 -17.00
CA MET B 47 -4.22 8.07 -17.13
C MET B 47 -4.17 6.76 -17.89
N LEU B 48 -5.02 5.83 -17.49
CA LEU B 48 -5.06 4.55 -18.17
C LEU B 48 -5.42 4.79 -19.62
N LYS B 49 -5.79 6.01 -19.95
CA LYS B 49 -6.19 6.36 -21.32
C LYS B 49 -4.95 6.68 -22.16
N GLN B 50 -4.15 7.61 -21.66
CA GLN B 50 -2.96 8.02 -22.35
C GLN B 50 -1.85 7.00 -22.10
N TYR B 51 -1.70 6.55 -20.86
CA TYR B 51 -0.60 5.65 -20.51
C TYR B 51 -0.70 4.13 -20.48
N ALA B 52 -1.89 3.54 -20.47
CA ALA B 52 -2.00 2.07 -20.43
C ALA B 52 -1.29 1.29 -21.54
N ASP B 53 -0.48 1.98 -22.36
CA ASP B 53 0.27 1.35 -23.47
C ASP B 53 1.67 1.96 -23.62
N LYS B 54 2.13 2.66 -22.60
CA LYS B 54 3.43 3.31 -22.62
C LYS B 54 4.22 2.90 -21.38
N LEU B 55 3.54 2.97 -20.23
CA LEU B 55 4.10 2.67 -18.92
C LEU B 55 3.79 1.28 -18.37
N GLU B 56 4.01 1.15 -17.07
CA GLU B 56 3.79 -0.09 -16.34
C GLU B 56 2.39 -0.09 -15.78
N PHE B 57 2.26 0.04 -14.48
CA PHE B 57 0.94 0.08 -13.87
C PHE B 57 1.07 0.84 -12.59
N MET B 58 2.07 0.45 -11.80
CA MET B 58 2.33 1.13 -10.55
C MET B 58 2.73 2.48 -11.02
N HIS B 59 3.65 2.48 -11.99
CA HIS B 59 4.13 3.73 -12.57
C HIS B 59 2.94 4.54 -13.03
N ILE B 60 1.92 3.84 -13.49
CA ILE B 60 0.71 4.48 -13.94
C ILE B 60 -0.05 4.98 -12.71
N LEU B 61 -0.15 4.14 -11.68
CA LEU B 61 -0.85 4.52 -10.46
C LEU B 61 -0.30 5.77 -9.77
N THR B 62 0.97 6.06 -9.97
CA THR B 62 1.60 7.22 -9.34
C THR B 62 1.21 8.62 -9.87
N ARG B 63 0.90 8.72 -11.16
CA ARG B 63 0.50 10.01 -11.71
C ARG B 63 -0.97 10.21 -11.36
N VAL B 64 -1.68 9.09 -11.17
CA VAL B 64 -3.07 9.14 -10.75
C VAL B 64 -3.00 9.94 -9.45
N ASN B 65 -2.20 9.44 -8.52
CA ASN B 65 -1.99 10.10 -7.24
C ASN B 65 -1.53 11.52 -7.52
N ARG B 66 -0.53 11.65 -8.39
CA ARG B 66 -0.01 12.98 -8.73
C ARG B 66 -1.14 13.87 -9.21
N LYS B 67 -1.87 13.38 -10.21
CA LYS B 67 -2.97 14.11 -10.81
C LYS B 67 -4.18 14.31 -9.92
N VAL B 68 -4.05 14.07 -8.62
CA VAL B 68 -5.17 14.24 -7.72
C VAL B 68 -4.69 15.05 -6.53
N ALA B 69 -3.39 14.99 -6.29
CA ALA B 69 -2.80 15.73 -5.19
C ALA B 69 -2.55 17.11 -5.70
N THR B 70 -2.24 17.17 -6.99
CA THR B 70 -1.94 18.44 -7.65
C THR B 70 -3.12 19.28 -8.17
N GLU B 71 -3.82 18.79 -9.19
CA GLU B 71 -4.92 19.52 -9.81
C GLU B 71 -6.37 19.39 -9.24
N PHE B 72 -6.53 18.94 -8.00
CA PHE B 72 -7.86 18.84 -7.39
C PHE B 72 -7.91 19.53 -6.04
N GLU B 73 -9.08 20.02 -5.64
CA GLU B 73 -9.27 20.70 -4.36
C GLU B 73 -10.78 20.86 -4.06
N SER B 74 -11.19 20.61 -2.82
CA SER B 74 -12.59 20.72 -2.41
C SER B 74 -13.07 22.18 -2.35
N PHE B 75 -14.38 22.37 -2.57
CA PHE B 75 -15.01 23.70 -2.57
C PHE B 75 -16.40 23.66 -1.92
N SER B 76 -16.59 24.37 -0.82
CA SER B 76 -17.89 24.36 -0.18
C SER B 76 -18.19 25.58 0.66
N PHE B 77 -19.46 25.69 1.07
CA PHE B 77 -19.96 26.79 1.88
C PHE B 77 -19.72 26.52 3.36
N ASP B 78 -19.52 25.23 3.67
CA ASP B 78 -19.27 24.78 5.02
C ASP B 78 -17.85 25.07 5.38
N ALA B 79 -17.65 25.96 6.35
CA ALA B 79 -16.30 26.25 6.75
C ALA B 79 -15.62 24.89 6.70
N THR B 80 -16.22 23.96 7.44
CA THR B 80 -15.73 22.60 7.60
C THR B 80 -15.36 21.71 6.41
N PHE B 81 -16.02 21.84 5.26
CA PHE B 81 -15.60 20.96 4.16
C PHE B 81 -14.87 21.71 3.07
N HIS B 82 -14.79 23.01 3.22
CA HIS B 82 -14.15 23.82 2.23
C HIS B 82 -12.63 23.84 2.29
N ALA B 83 -12.01 23.71 1.12
CA ALA B 83 -10.56 23.75 0.96
C ALA B 83 -9.87 22.49 1.42
N LYS B 84 -10.31 21.35 0.92
CA LYS B 84 -9.69 20.11 1.32
C LYS B 84 -9.07 19.36 0.17
N LYS B 85 -8.07 18.53 0.48
CA LYS B 85 -7.38 17.76 -0.53
C LYS B 85 -7.62 16.26 -0.38
N GLN B 86 -6.99 15.51 -1.28
CA GLN B 86 -7.07 14.08 -1.29
C GLN B 86 -5.74 13.52 -1.77
N ILE B 87 -5.54 12.24 -1.50
CA ILE B 87 -4.35 11.51 -1.91
C ILE B 87 -4.77 10.04 -1.98
N PRO B 88 -4.60 9.41 -3.14
CA PRO B 88 -5.01 8.01 -3.17
C PRO B 88 -3.99 7.16 -2.40
N CYS B 89 -4.18 5.85 -2.43
CA CYS B 89 -3.30 4.94 -1.73
C CYS B 89 -3.08 3.68 -2.54
N ILE B 90 -1.85 3.45 -2.98
CA ILE B 90 -1.52 2.25 -3.76
C ILE B 90 -0.93 1.17 -2.88
N VAL B 91 -1.66 0.08 -2.71
CA VAL B 91 -1.19 -1.02 -1.89
C VAL B 91 -0.99 -2.21 -2.83
N SER B 92 0.23 -2.76 -2.84
CA SER B 92 0.56 -3.88 -3.70
C SER B 92 1.23 -5.09 -3.04
N MET B 93 0.69 -6.27 -3.33
CA MET B 93 1.19 -7.55 -2.83
C MET B 93 1.53 -8.33 -4.10
N LEU B 94 1.53 -7.62 -5.21
CA LEU B 94 1.84 -8.24 -6.48
C LEU B 94 3.28 -8.66 -6.40
N THR B 95 3.64 -9.62 -7.24
CA THR B 95 4.98 -10.19 -7.28
C THR B 95 5.72 -9.98 -8.61
N LYS B 96 5.10 -9.21 -9.52
CA LYS B 96 5.67 -8.91 -10.83
C LYS B 96 5.10 -7.59 -11.30
N GLU B 97 5.71 -7.00 -12.32
CA GLU B 97 5.21 -5.74 -12.87
C GLU B 97 4.03 -6.12 -13.74
N LEU B 98 3.25 -5.12 -14.16
CA LEU B 98 2.10 -5.36 -15.01
C LEU B 98 2.04 -4.31 -16.11
N TYR B 99 2.00 -4.78 -17.35
CA TYR B 99 1.89 -3.93 -18.54
C TYR B 99 0.70 -4.44 -19.38
N PHE B 100 -0.36 -3.64 -19.47
CA PHE B 100 -1.56 -4.05 -20.19
C PHE B 100 -1.50 -4.34 -21.69
N TYR B 101 -0.87 -5.44 -22.07
CA TYR B 101 -0.77 -5.86 -23.48
C TYR B 101 0.10 -7.08 -23.76
N ASP C 6 9.07 16.71 -12.77
CA ASP C 6 8.67 15.73 -13.82
C ASP C 6 8.03 14.48 -13.22
N ASN C 7 7.96 13.40 -13.99
CA ASN C 7 7.36 12.16 -13.49
C ASN C 7 8.21 11.59 -12.34
N SER C 8 9.52 11.76 -12.45
CA SER C 8 10.50 11.30 -11.45
C SER C 8 10.77 12.39 -10.39
N TYR C 9 11.02 11.96 -9.16
CA TYR C 9 11.28 12.85 -8.01
C TYR C 9 12.61 13.59 -8.14
N LYS C 10 12.73 14.72 -7.46
CA LYS C 10 13.98 15.49 -7.48
C LYS C 10 14.99 14.87 -6.49
N MET C 11 16.10 14.38 -7.03
CA MET C 11 17.16 13.73 -6.24
C MET C 11 18.58 14.22 -6.54
N ASP C 12 18.87 15.50 -6.28
CA ASP C 12 20.20 16.00 -6.54
C ASP C 12 20.54 17.25 -5.74
N TYR C 13 20.20 17.24 -4.46
CA TYR C 13 20.52 18.36 -3.59
C TYR C 13 21.91 18.06 -3.04
N PRO C 14 22.62 19.08 -2.55
CA PRO C 14 23.97 18.85 -2.01
C PRO C 14 24.11 17.66 -1.03
N GLU C 15 22.99 17.14 -0.56
CA GLU C 15 22.95 16.01 0.38
C GLU C 15 21.92 15.11 -0.23
N MET C 16 22.08 13.80 -0.10
CA MET C 16 21.07 12.92 -0.66
C MET C 16 20.01 12.63 0.38
N GLY C 17 20.43 12.33 1.61
CA GLY C 17 19.46 12.04 2.64
C GLY C 17 19.99 11.85 4.06
N LEU C 18 19.11 11.30 4.90
CA LEU C 18 19.38 11.00 6.30
C LEU C 18 18.57 9.75 6.59
N CYS C 19 19.25 8.61 6.60
CA CYS C 19 18.60 7.32 6.82
C CYS C 19 18.59 6.84 8.28
N ILE C 20 17.50 7.06 9.02
CA ILE C 20 17.45 6.65 10.43
C ILE C 20 16.94 5.22 10.76
N ILE C 21 17.89 4.30 11.00
CA ILE C 21 17.58 2.90 11.34
C ILE C 21 17.47 2.68 12.86
N ILE C 22 16.26 2.47 13.35
CA ILE C 22 16.12 2.26 14.78
C ILE C 22 16.00 0.79 15.06
N ASN C 23 17.14 0.18 15.36
CA ASN C 23 17.27 -1.23 15.67
C ASN C 23 16.84 -1.46 17.11
N ASN C 24 15.81 -2.27 17.31
CA ASN C 24 15.35 -2.59 18.67
C ASN C 24 15.50 -4.09 18.73
N LYS C 25 15.97 -4.62 19.86
CA LYS C 25 16.16 -6.07 19.94
C LYS C 25 15.98 -6.66 21.33
N ASN C 26 16.54 -6.01 22.35
CA ASN C 26 16.41 -6.52 23.70
C ASN C 26 15.30 -5.80 24.44
N PHE C 27 14.18 -6.49 24.56
CA PHE C 27 12.99 -5.96 25.21
C PHE C 27 12.92 -6.17 26.71
N HIS C 28 12.62 -5.10 27.43
CA HIS C 28 12.50 -5.17 28.86
C HIS C 28 11.66 -6.40 29.21
N LYS C 29 12.21 -7.22 30.11
CA LYS C 29 11.60 -8.47 30.54
C LYS C 29 10.16 -8.33 31.00
N SER C 30 9.86 -7.24 31.69
CA SER C 30 8.51 -7.01 32.18
C SER C 30 7.48 -7.05 31.05
N THR C 31 7.87 -6.53 29.89
CA THR C 31 6.98 -6.50 28.74
C THR C 31 6.78 -7.92 28.22
N GLY C 32 7.54 -8.86 28.76
CA GLY C 32 7.41 -10.23 28.32
C GLY C 32 7.53 -10.33 26.80
N MET C 33 8.47 -9.58 26.24
CA MET C 33 8.70 -9.56 24.79
C MET C 33 9.95 -10.37 24.42
N THR C 34 9.76 -11.39 23.58
CA THR C 34 10.86 -12.25 23.13
C THR C 34 11.96 -11.41 22.49
N SER C 35 13.13 -11.98 22.32
CA SER C 35 14.24 -11.24 21.71
C SER C 35 14.26 -11.45 20.22
N ARG C 36 14.92 -10.54 19.52
CA ARG C 36 15.02 -10.61 18.07
C ARG C 36 16.39 -11.05 17.54
N SER C 37 16.64 -12.35 17.57
CA SER C 37 17.93 -12.90 17.16
C SER C 37 18.41 -12.64 15.72
N GLY C 38 19.21 -11.58 15.55
CA GLY C 38 19.75 -11.27 14.23
C GLY C 38 19.40 -9.91 13.64
N THR C 39 18.69 -9.06 14.38
CA THR C 39 18.33 -7.74 13.87
C THR C 39 19.60 -7.06 13.42
N ASP C 40 20.64 -7.29 14.20
CA ASP C 40 21.95 -6.73 13.97
C ASP C 40 22.44 -7.03 12.56
N VAL C 41 22.27 -8.27 12.10
CA VAL C 41 22.69 -8.62 10.76
C VAL C 41 22.02 -7.62 9.84
N ASP C 42 20.71 -7.53 10.00
CA ASP C 42 19.90 -6.59 9.24
C ASP C 42 20.59 -5.25 9.45
N ALA C 43 20.22 -4.58 10.55
CA ALA C 43 20.78 -3.27 10.91
C ALA C 43 22.18 -3.01 10.37
N ALA C 44 22.98 -4.07 10.34
CA ALA C 44 24.35 -3.96 9.85
C ALA C 44 24.35 -3.89 8.33
N ASN C 45 23.55 -4.76 7.72
CA ASN C 45 23.38 -4.84 6.26
C ASN C 45 22.74 -3.55 5.72
N LEU C 46 21.61 -3.16 6.30
CA LEU C 46 20.93 -1.94 5.89
C LEU C 46 21.92 -0.80 6.07
N ARG C 47 22.51 -0.72 7.26
CA ARG C 47 23.45 0.36 7.55
C ARG C 47 24.45 0.51 6.42
N GLU C 48 24.84 -0.62 5.82
CA GLU C 48 25.80 -0.57 4.74
C GLU C 48 25.10 -0.26 3.43
N THR C 49 23.92 -0.85 3.24
CA THR C 49 23.16 -0.63 2.03
C THR C 49 22.76 0.82 1.76
N PHE C 50 22.50 1.60 2.81
CA PHE C 50 22.10 3.01 2.62
C PHE C 50 23.29 3.95 2.78
N ARG C 51 24.41 3.40 3.24
CA ARG C 51 25.63 4.17 3.40
C ARG C 51 26.22 4.25 1.99
N ASN C 52 25.95 3.20 1.21
CA ASN C 52 26.45 3.10 -0.15
C ASN C 52 25.71 3.97 -1.15
N LEU C 53 24.81 4.81 -0.68
CA LEU C 53 24.05 5.65 -1.60
C LEU C 53 23.93 7.06 -1.06
N LYS C 54 24.95 7.51 -0.33
CA LYS C 54 25.01 8.84 0.24
C LYS C 54 24.00 9.22 1.36
N TYR C 55 23.76 8.32 2.31
CA TYR C 55 22.83 8.63 3.41
C TYR C 55 23.47 8.73 4.77
N GLU C 56 23.18 9.80 5.47
CA GLU C 56 23.71 9.96 6.81
C GLU C 56 22.90 8.97 7.63
N VAL C 57 23.40 7.73 7.75
CA VAL C 57 22.72 6.74 8.55
C VAL C 57 23.14 6.91 10.01
N ARG C 58 22.20 6.72 10.93
CA ARG C 58 22.47 6.83 12.36
C ARG C 58 21.74 5.65 13.01
N ASN C 59 22.46 4.62 13.42
CA ASN C 59 21.82 3.46 14.03
C ASN C 59 21.66 3.61 15.53
N LYS C 60 20.43 3.65 16.03
CA LYS C 60 20.17 3.77 17.46
C LYS C 60 19.55 2.45 17.84
N ASN C 61 19.87 1.94 19.04
CA ASN C 61 19.35 0.65 19.46
C ASN C 61 18.55 0.67 20.73
N ASP C 62 17.83 -0.42 20.95
CA ASP C 62 16.99 -0.61 22.13
C ASP C 62 16.50 0.68 22.76
N LEU C 63 15.71 1.44 22.01
CA LEU C 63 15.17 2.68 22.51
C LEU C 63 13.78 2.33 23.03
N THR C 64 13.19 3.20 23.84
CA THR C 64 11.84 2.94 24.35
C THR C 64 10.82 3.75 23.55
N ARG C 65 9.55 3.40 23.68
CA ARG C 65 8.53 4.13 22.96
C ARG C 65 8.71 5.60 23.27
N GLU C 66 8.90 5.91 24.54
CA GLU C 66 9.09 7.30 24.98
C GLU C 66 10.55 7.67 24.80
N GLU C 67 11.12 7.19 23.69
CA GLU C 67 12.52 7.46 23.38
C GLU C 67 12.51 7.63 21.89
N ILE C 68 11.75 6.75 21.24
CA ILE C 68 11.61 6.75 19.79
C ILE C 68 10.91 8.03 19.34
N VAL C 69 9.84 8.39 20.05
CA VAL C 69 9.11 9.59 19.70
C VAL C 69 10.03 10.81 19.76
N GLU C 70 10.72 10.99 20.87
CA GLU C 70 11.63 12.11 21.02
C GLU C 70 12.51 12.15 19.79
N LEU C 71 13.22 11.05 19.59
CA LEU C 71 14.11 10.94 18.45
C LEU C 71 13.42 11.58 17.28
N MET C 72 12.24 11.07 16.95
CA MET C 72 11.48 11.59 15.84
C MET C 72 11.31 13.10 16.00
N ARG C 73 10.49 13.52 16.96
CA ARG C 73 10.23 14.95 17.19
C ARG C 73 11.53 15.75 17.06
N ASP C 74 12.66 15.07 17.26
CA ASP C 74 13.95 15.71 17.18
C ASP C 74 14.41 15.77 15.73
N VAL C 75 14.17 14.70 14.99
CA VAL C 75 14.55 14.61 13.60
C VAL C 75 13.70 15.53 12.72
N SER C 76 12.38 15.52 12.92
CA SER C 76 11.46 16.35 12.14
C SER C 76 11.69 17.86 12.35
N LYS C 77 12.23 18.20 13.52
CA LYS C 77 12.55 19.59 13.86
C LYS C 77 13.99 19.78 13.47
N GLU C 78 14.25 19.75 12.18
CA GLU C 78 15.61 19.86 11.73
C GLU C 78 15.62 20.44 10.33
N ASP C 79 16.68 21.17 10.01
CA ASP C 79 16.77 21.74 8.68
C ASP C 79 17.12 20.60 7.75
N HIS C 80 16.21 20.35 6.81
CA HIS C 80 16.37 19.30 5.81
C HIS C 80 16.22 20.06 4.50
N SER C 81 16.32 21.37 4.60
CA SER C 81 16.16 22.25 3.45
C SER C 81 16.96 21.80 2.26
N LYS C 82 18.17 21.32 2.50
CA LYS C 82 19.08 20.90 1.44
C LYS C 82 19.25 19.39 1.23
N ARG C 83 18.27 18.60 1.68
CA ARG C 83 18.33 17.14 1.56
C ARG C 83 17.22 16.52 0.68
N SER C 84 17.59 15.57 -0.18
CA SER C 84 16.66 14.92 -1.11
C SER C 84 15.68 13.84 -0.64
N SER C 85 15.68 13.49 0.64
CA SER C 85 14.75 12.47 1.10
C SER C 85 14.91 12.14 2.57
N PHE C 86 14.18 11.13 3.03
CA PHE C 86 14.27 10.70 4.42
C PHE C 86 13.85 9.26 4.55
N VAL C 87 14.81 8.36 4.74
CA VAL C 87 14.52 6.93 4.92
C VAL C 87 14.49 6.61 6.41
N CYS C 88 13.45 5.94 6.88
CA CYS C 88 13.40 5.61 8.30
C CYS C 88 13.11 4.16 8.67
N VAL C 89 14.14 3.34 8.49
CA VAL C 89 14.04 1.93 8.82
C VAL C 89 13.71 1.75 10.31
N LEU C 90 12.86 0.78 10.57
CA LEU C 90 12.45 0.43 11.91
C LEU C 90 12.67 -1.06 12.01
N LEU C 91 12.97 -1.52 13.22
CA LEU C 91 13.19 -2.93 13.44
C LEU C 91 12.74 -3.19 14.86
N SER C 92 11.77 -4.09 15.00
CA SER C 92 11.22 -4.38 16.30
C SER C 92 10.14 -5.44 16.15
N HIS C 93 9.25 -5.54 17.13
CA HIS C 93 8.15 -6.49 17.07
C HIS C 93 6.93 -5.65 16.88
N GLY C 94 5.74 -6.24 17.02
CA GLY C 94 4.54 -5.45 16.86
C GLY C 94 3.22 -6.10 16.48
N GLU C 95 2.18 -5.28 16.58
CA GLU C 95 0.83 -5.67 16.25
C GLU C 95 0.50 -4.68 15.15
N GLU C 96 -0.62 -4.89 14.47
CA GLU C 96 -1.04 -3.99 13.40
C GLU C 96 -1.02 -2.52 13.84
N GLY C 97 -0.48 -1.63 13.02
CA GLY C 97 -0.44 -0.22 13.39
C GLY C 97 0.49 0.08 14.55
N ILE C 98 0.62 -0.85 15.49
CA ILE C 98 1.50 -0.67 16.65
C ILE C 98 2.99 -0.76 16.24
N ILE C 99 3.88 -0.64 17.22
CA ILE C 99 5.33 -0.71 17.00
C ILE C 99 5.95 -0.70 18.41
N PHE C 100 6.77 -1.69 18.71
CA PHE C 100 7.35 -1.79 20.04
C PHE C 100 8.65 -1.09 20.42
N GLY C 101 8.64 -0.47 21.60
CA GLY C 101 9.81 0.19 22.14
C GLY C 101 10.32 -0.82 23.15
N THR C 102 11.39 -0.50 23.87
CA THR C 102 11.94 -1.45 24.85
C THR C 102 11.25 -1.42 26.21
N ASN C 103 9.96 -1.09 26.23
CA ASN C 103 9.17 -1.07 27.47
C ASN C 103 7.73 -1.41 27.15
N GLY C 104 7.26 -0.98 25.98
CA GLY C 104 5.90 -1.27 25.59
C GLY C 104 5.55 -0.73 24.22
N PRO C 105 4.33 -0.98 23.74
CA PRO C 105 3.88 -0.53 22.42
C PRO C 105 3.85 0.97 22.22
N VAL C 106 3.71 1.33 20.95
CA VAL C 106 3.60 2.71 20.53
C VAL C 106 2.86 2.66 19.20
N ASP C 107 2.29 3.78 18.79
CA ASP C 107 1.54 3.81 17.56
C ASP C 107 2.32 4.33 16.37
N LEU C 108 2.31 3.53 15.32
CA LEU C 108 3.01 3.87 14.11
C LEU C 108 2.63 5.25 13.60
N LYS C 109 1.33 5.57 13.65
CA LYS C 109 0.85 6.87 13.15
C LYS C 109 1.41 8.10 13.86
N LYS C 110 1.29 8.20 15.18
CA LYS C 110 1.79 9.39 15.86
C LYS C 110 3.30 9.49 15.78
N ILE C 111 3.88 8.63 14.94
CA ILE C 111 5.31 8.62 14.70
C ILE C 111 5.52 9.39 13.40
N THR C 112 4.86 8.88 12.36
CA THR C 112 4.92 9.43 11.04
C THR C 112 4.43 10.89 10.98
N ASN C 113 3.51 11.22 11.88
CA ASN C 113 2.94 12.56 11.97
C ASN C 113 3.93 13.70 11.90
N PHE C 114 5.01 13.60 12.65
CA PHE C 114 5.98 14.67 12.68
C PHE C 114 6.57 15.03 11.32
N PHE C 115 6.19 14.28 10.30
CA PHE C 115 6.73 14.55 8.95
C PHE C 115 5.66 15.02 7.98
N ARG C 116 4.41 14.81 8.40
CA ARG C 116 3.19 15.18 7.67
C ARG C 116 3.19 16.60 7.10
N GLY C 117 3.24 16.69 5.77
CA GLY C 117 3.25 17.95 5.05
C GLY C 117 3.51 19.22 5.82
N ASP C 118 2.56 19.63 6.65
CA ASP C 118 2.65 20.86 7.43
C ASP C 118 3.56 20.81 8.64
N ARG C 119 3.85 19.62 9.11
CA ARG C 119 4.72 19.41 10.27
C ARG C 119 6.17 19.65 9.85
N CYS C 120 6.71 18.66 9.14
CA CYS C 120 8.08 18.71 8.63
C CYS C 120 8.03 19.43 7.29
N ARG C 121 8.35 20.71 7.31
CA ARG C 121 8.31 21.53 6.12
C ARG C 121 9.41 21.23 5.12
N SER C 122 10.66 21.43 5.54
CA SER C 122 11.80 21.14 4.68
C SER C 122 11.49 19.89 3.87
N LEU C 123 10.90 18.89 4.53
CA LEU C 123 10.54 17.67 3.85
C LEU C 123 9.12 17.75 3.28
N THR C 124 8.93 18.64 2.32
CA THR C 124 7.63 18.77 1.66
C THR C 124 7.93 18.65 0.19
N GLY C 125 7.32 17.66 -0.46
CA GLY C 125 7.60 17.44 -1.87
C GLY C 125 8.87 16.63 -1.94
N LYS C 126 9.15 15.94 -0.83
CA LYS C 126 10.31 15.09 -0.72
C LYS C 126 9.85 13.77 -0.14
N PRO C 127 10.28 12.65 -0.76
CA PRO C 127 9.91 11.32 -0.29
C PRO C 127 10.25 10.97 1.15
N LYS C 128 9.25 10.55 1.91
CA LYS C 128 9.47 10.10 3.27
C LYS C 128 9.23 8.59 3.14
N LEU C 129 10.32 7.81 3.20
CA LEU C 129 10.20 6.37 3.07
C LEU C 129 10.29 5.72 4.44
N PHE C 130 9.26 4.99 4.84
CA PHE C 130 9.29 4.33 6.14
C PHE C 130 9.31 2.84 5.98
N ILE C 131 10.48 2.25 5.98
CA ILE C 131 10.55 0.81 5.87
C ILE C 131 10.37 0.29 7.29
N ILE C 132 9.47 -0.68 7.44
CA ILE C 132 9.15 -1.26 8.72
C ILE C 132 9.28 -2.77 8.69
N GLN C 133 10.08 -3.31 9.61
CA GLN C 133 10.32 -4.75 9.70
C GLN C 133 9.87 -5.26 11.07
N ALA C 134 8.63 -5.76 11.13
CA ALA C 134 8.05 -6.26 12.37
C ALA C 134 6.72 -6.98 12.09
N CYS C 135 6.14 -7.55 13.14
CA CYS C 135 4.86 -8.24 13.03
C CYS C 135 3.72 -7.25 12.85
N ARG C 136 2.76 -7.62 12.00
CA ARG C 136 1.59 -6.80 11.74
C ARG C 136 0.35 -7.55 12.20
N GLY C 137 0.47 -8.29 13.30
CA GLY C 137 -0.65 -9.05 13.79
C GLY C 137 -0.15 -10.44 14.08
N THR C 138 -0.99 -11.46 13.91
CA THR C 138 -0.57 -12.83 14.18
C THR C 138 -1.18 -13.92 13.31
N GLU C 139 -1.38 -13.67 12.02
CA GLU C 139 -1.93 -14.70 11.16
C GLU C 139 -0.77 -15.49 10.57
N LEU C 140 -1.07 -16.65 9.99
CA LEU C 140 -0.05 -17.51 9.41
C LEU C 140 -0.40 -17.73 7.94
N ASP C 141 0.61 -17.68 7.07
CA ASP C 141 0.38 -17.88 5.64
C ASP C 141 0.82 -19.27 5.20
N CYS C 142 -0.14 -20.17 5.00
CA CYS C 142 0.15 -21.52 4.58
C CYS C 142 0.64 -21.61 3.14
N GLY C 143 0.10 -20.77 2.26
CA GLY C 143 0.51 -20.79 0.88
C GLY C 143 -0.22 -21.88 0.11
N ILE C 144 0.07 -21.98 -1.18
CA ILE C 144 -0.59 -22.98 -2.02
C ILE C 144 0.27 -23.24 -3.26
N GLU C 145 -0.25 -24.07 -4.17
CA GLU C 145 0.40 -24.42 -5.43
C GLU C 145 1.50 -25.44 -5.21
N LYS D 11 -0.22 24.41 -2.67
CA LYS D 11 -1.21 23.77 -1.73
C LYS D 11 -1.39 22.28 -2.05
N ILE D 12 -0.71 21.40 -1.32
CA ILE D 12 -0.82 19.95 -1.59
C ILE D 12 -1.14 19.09 -0.37
N PRO D 13 -1.70 17.88 -0.60
CA PRO D 13 -2.05 16.94 0.47
C PRO D 13 -0.87 16.69 1.40
N VAL D 14 -1.12 16.59 2.70
CA VAL D 14 -0.02 16.35 3.64
C VAL D 14 0.38 14.89 3.81
N GLU D 15 -0.52 13.97 3.44
CA GLU D 15 -0.25 12.54 3.57
C GLU D 15 0.46 11.99 2.35
N ALA D 16 0.67 12.85 1.36
CA ALA D 16 1.33 12.44 0.14
C ALA D 16 2.84 12.54 0.24
N ASP D 17 3.52 11.79 -0.62
CA ASP D 17 4.97 11.74 -0.65
C ASP D 17 5.44 10.78 0.43
N PHE D 18 4.51 10.01 0.98
CA PHE D 18 4.86 9.03 1.98
C PHE D 18 5.00 7.73 1.24
N LEU D 19 5.49 6.73 1.95
CA LEU D 19 5.70 5.40 1.41
C LEU D 19 6.01 4.45 2.53
N TYR D 20 5.25 3.36 2.59
CA TYR D 20 5.44 2.40 3.63
C TYR D 20 5.66 1.05 2.99
N ALA D 21 6.86 0.51 3.10
CA ALA D 21 7.09 -0.81 2.54
C ALA D 21 7.21 -1.74 3.74
N TYR D 22 6.11 -2.40 4.07
CA TYR D 22 6.06 -3.34 5.20
C TYR D 22 6.71 -4.68 4.83
N SER D 23 7.23 -5.38 5.83
CA SER D 23 7.87 -6.67 5.63
C SER D 23 6.83 -7.74 5.36
N THR D 24 5.63 -7.50 5.88
CA THR D 24 4.54 -8.44 5.70
C THR D 24 3.23 -7.69 5.43
N ALA D 25 2.20 -8.47 5.12
CA ALA D 25 0.88 -7.94 4.83
C ALA D 25 0.14 -7.82 6.15
N PRO D 26 -0.91 -6.99 6.19
CA PRO D 26 -1.75 -6.71 7.35
C PRO D 26 -2.36 -7.90 8.10
N GLY D 27 -2.06 -7.99 9.39
CA GLY D 27 -2.60 -9.06 10.22
C GLY D 27 -1.71 -10.29 10.40
N TYR D 28 -0.69 -10.42 9.55
CA TYR D 28 0.23 -11.54 9.57
C TYR D 28 1.50 -11.37 10.40
N TYR D 29 2.22 -12.48 10.52
CA TYR D 29 3.49 -12.53 11.25
C TYR D 29 4.60 -12.24 10.26
N SER D 30 5.70 -11.68 10.76
CA SER D 30 6.83 -11.42 9.91
C SER D 30 7.94 -12.37 10.32
N TRP D 31 8.58 -12.97 9.33
CA TRP D 31 9.64 -13.92 9.56
C TRP D 31 11.03 -13.29 9.49
N ARG D 32 11.85 -13.68 10.46
CA ARG D 32 13.23 -13.21 10.62
C ARG D 32 14.09 -14.43 10.97
N ASN D 33 15.32 -14.48 10.44
CA ASN D 33 16.22 -15.61 10.69
C ASN D 33 17.22 -15.42 11.85
N SER D 34 17.18 -16.33 12.81
CA SER D 34 18.05 -16.24 13.97
C SER D 34 19.52 -16.18 13.58
N LYS D 35 19.79 -16.39 12.30
CA LYS D 35 21.16 -16.33 11.79
C LYS D 35 21.38 -15.16 10.82
N ASP D 36 20.83 -15.28 9.61
CA ASP D 36 21.02 -14.25 8.59
C ASP D 36 20.30 -12.92 8.78
N GLY D 37 19.04 -12.94 9.18
CA GLY D 37 18.32 -11.69 9.35
C GLY D 37 16.98 -11.74 8.64
N SER D 38 16.11 -10.78 8.95
CA SER D 38 14.80 -10.73 8.36
C SER D 38 14.75 -11.12 6.89
N TRP D 39 13.79 -11.96 6.53
CA TRP D 39 13.61 -12.36 5.16
C TRP D 39 13.59 -11.07 4.36
N PHE D 40 12.48 -10.37 4.48
CA PHE D 40 12.26 -9.11 3.81
C PHE D 40 13.45 -8.16 3.85
N ILE D 41 14.13 -8.07 4.98
CA ILE D 41 15.23 -7.14 5.09
C ILE D 41 16.47 -7.49 4.29
N GLN D 42 16.74 -8.77 4.12
CA GLN D 42 17.92 -9.16 3.37
C GLN D 42 17.60 -9.04 1.88
N SER D 43 16.52 -9.71 1.46
CA SER D 43 16.11 -9.65 0.07
C SER D 43 16.09 -8.20 -0.37
N LEU D 44 15.78 -7.31 0.56
CA LEU D 44 15.72 -5.90 0.27
C LEU D 44 17.07 -5.34 -0.15
N CYS D 45 18.02 -5.34 0.79
CA CYS D 45 19.37 -4.83 0.53
C CYS D 45 19.89 -5.53 -0.70
N ALA D 46 19.59 -6.82 -0.77
CA ALA D 46 20.02 -7.67 -1.87
C ALA D 46 19.58 -7.18 -3.24
N MET D 47 18.44 -6.50 -3.27
CA MET D 47 17.92 -5.97 -4.52
C MET D 47 18.46 -4.57 -4.71
N LEU D 48 18.40 -3.78 -3.65
CA LEU D 48 18.91 -2.43 -3.72
C LEU D 48 20.38 -2.49 -4.05
N LYS D 49 20.96 -3.68 -4.01
CA LYS D 49 22.38 -3.88 -4.28
C LYS D 49 22.63 -3.97 -5.78
N GLN D 50 21.92 -4.89 -6.41
CA GLN D 50 22.05 -5.08 -7.83
C GLN D 50 21.27 -4.02 -8.59
N TYR D 51 20.05 -3.73 -8.14
CA TYR D 51 19.18 -2.80 -8.85
C TYR D 51 19.06 -1.30 -8.55
N ALA D 52 19.52 -0.83 -7.39
CA ALA D 52 19.40 0.60 -7.08
C ALA D 52 20.03 1.58 -8.07
N ASP D 53 20.47 1.09 -9.23
CA ASP D 53 21.09 1.93 -10.28
C ASP D 53 20.67 1.48 -11.69
N LYS D 54 19.62 0.67 -11.77
CA LYS D 54 19.13 0.16 -13.04
C LYS D 54 17.64 0.45 -13.17
N LEU D 55 16.92 0.17 -12.08
CA LEU D 55 15.47 0.34 -12.00
C LEU D 55 14.98 1.60 -11.30
N GLU D 56 13.70 1.57 -10.93
CA GLU D 56 13.04 2.68 -10.27
C GLU D 56 13.16 2.48 -8.76
N PHE D 57 12.04 2.16 -8.12
CA PHE D 57 12.07 1.92 -6.70
C PHE D 57 10.94 1.01 -6.39
N MET D 58 9.77 1.37 -6.90
CA MET D 58 8.58 0.55 -6.69
C MET D 58 8.95 -0.68 -7.44
N HIS D 59 9.42 -0.47 -8.66
CA HIS D 59 9.84 -1.58 -9.50
C HIS D 59 10.84 -2.42 -8.76
N ILE D 60 11.64 -1.76 -7.93
CA ILE D 60 12.62 -2.43 -7.11
C ILE D 60 11.89 -3.16 -5.99
N LEU D 61 10.93 -2.49 -5.35
CA LEU D 61 10.17 -3.08 -4.26
C LEU D 61 9.43 -4.37 -4.64
N THR D 62 9.08 -4.52 -5.91
CA THR D 62 8.33 -5.70 -6.37
C THR D 62 9.10 -7.03 -6.43
N ARG D 63 10.40 -6.98 -6.72
CA ARG D 63 11.19 -8.21 -6.76
C ARG D 63 11.52 -8.59 -5.32
N VAL D 64 11.57 -7.58 -4.45
CA VAL D 64 11.79 -7.80 -3.03
C VAL D 64 10.66 -8.76 -2.66
N ASN D 65 9.44 -8.33 -2.93
CA ASN D 65 8.25 -9.14 -2.67
C ASN D 65 8.43 -10.46 -3.40
N ARG D 66 8.80 -10.39 -4.68
CA ARG D 66 8.99 -11.60 -5.46
C ARG D 66 9.99 -12.51 -4.77
N LYS D 67 11.15 -11.96 -4.46
CA LYS D 67 12.23 -12.69 -3.84
C LYS D 67 11.97 -13.12 -2.40
N VAL D 68 10.73 -13.04 -1.95
CA VAL D 68 10.41 -13.42 -0.58
C VAL D 68 9.21 -14.36 -0.63
N ALA D 69 8.43 -14.22 -1.69
CA ALA D 69 7.25 -15.03 -1.86
C ALA D 69 7.73 -16.31 -2.49
N THR D 70 8.76 -16.17 -3.31
CA THR D 70 9.32 -17.30 -4.04
C THR D 70 10.37 -18.16 -3.31
N GLU D 71 11.54 -17.60 -3.04
CA GLU D 71 12.65 -18.33 -2.40
C GLU D 71 12.75 -18.41 -0.85
N PHE D 72 11.66 -18.15 -0.13
CA PHE D 72 11.69 -18.25 1.33
C PHE D 72 10.55 -19.12 1.85
N GLU D 73 10.74 -19.75 3.00
CA GLU D 73 9.73 -20.62 3.62
C GLU D 73 10.13 -20.96 5.06
N SER D 74 9.17 -20.92 6.00
CA SER D 74 9.41 -21.20 7.41
C SER D 74 9.70 -22.69 7.67
N PHE D 75 10.48 -22.97 8.72
CA PHE D 75 10.87 -24.33 9.11
C PHE D 75 10.89 -24.50 10.62
N SER D 76 10.03 -25.37 11.15
CA SER D 76 10.02 -25.56 12.59
C SER D 76 9.51 -26.92 13.05
N PHE D 77 9.68 -27.18 14.34
CA PHE D 77 9.27 -28.43 14.98
C PHE D 77 7.81 -28.33 15.42
N ASP D 78 7.34 -27.10 15.55
CA ASP D 78 5.98 -26.82 15.96
C ASP D 78 5.07 -27.03 14.78
N ALA D 79 4.20 -28.02 14.89
CA ALA D 79 3.27 -28.24 13.80
C ALA D 79 2.91 -26.84 13.37
N THR D 80 2.42 -26.07 14.34
CA THR D 80 1.95 -24.71 14.15
C THR D 80 2.79 -23.63 13.45
N PHE D 81 4.11 -23.65 13.54
CA PHE D 81 4.84 -22.62 12.83
C PHE D 81 5.57 -23.13 11.60
N HIS D 82 5.51 -24.44 11.42
CA HIS D 82 6.20 -25.04 10.32
C HIS D 82 5.48 -24.93 8.98
N ALA D 83 6.26 -24.59 7.94
CA ALA D 83 5.78 -24.48 6.58
C ALA D 83 4.96 -23.25 6.31
N LYS D 84 5.50 -22.09 6.66
CA LYS D 84 4.76 -20.86 6.45
C LYS D 84 5.46 -19.91 5.51
N LYS D 85 4.68 -19.04 4.87
CA LYS D 85 5.22 -18.09 3.92
C LYS D 85 5.07 -16.66 4.41
N GLN D 86 5.54 -15.74 3.57
CA GLN D 86 5.45 -14.33 3.84
C GLN D 86 5.26 -13.59 2.52
N ILE D 87 4.83 -12.35 2.63
CA ILE D 87 4.61 -11.46 1.50
C ILE D 87 4.73 -10.04 2.04
N PRO D 88 5.64 -9.25 1.49
CA PRO D 88 5.71 -7.89 2.04
C PRO D 88 4.52 -7.07 1.55
N CYS D 89 4.51 -5.80 1.90
CA CYS D 89 3.42 -4.93 1.52
C CYS D 89 3.96 -3.54 1.17
N ILE D 90 3.79 -3.14 -0.09
CA ILE D 90 4.25 -1.83 -0.55
C ILE D 90 3.10 -0.83 -0.56
N VAL D 91 3.17 0.16 0.31
CA VAL D 91 2.14 1.17 0.39
C VAL D 91 2.79 2.49 -0.03
N SER D 92 2.22 3.14 -1.04
CA SER D 92 2.77 4.40 -1.55
C SER D 92 1.77 5.56 -1.70
N MET D 93 2.16 6.71 -1.18
CA MET D 93 1.39 7.95 -1.24
C MET D 93 2.32 8.93 -1.96
N LEU D 94 3.37 8.38 -2.55
CA LEU D 94 4.32 9.19 -3.26
C LEU D 94 3.60 9.72 -4.46
N THR D 95 4.12 10.81 -5.00
CA THR D 95 3.52 11.50 -6.14
C THR D 95 4.42 11.54 -7.39
N LYS D 96 5.55 10.85 -7.32
CA LYS D 96 6.51 10.79 -8.42
C LYS D 96 7.31 9.50 -8.29
N GLU D 97 8.01 9.10 -9.35
CA GLU D 97 8.83 7.90 -9.31
C GLU D 97 10.09 8.29 -8.54
N LEU D 98 10.88 7.29 -8.17
CA LEU D 98 12.12 7.55 -7.46
C LEU D 98 13.23 6.65 -8.01
N TYR D 99 14.33 7.28 -8.43
CA TYR D 99 15.51 6.60 -8.96
C TYR D 99 16.73 7.11 -8.15
N PHE D 100 17.34 6.25 -7.36
CA PHE D 100 18.47 6.64 -6.52
C PHE D 100 19.76 7.13 -7.16
N TYR D 101 19.74 8.33 -7.74
CA TYR D 101 20.93 8.94 -8.36
C TYR D 101 20.69 10.27 -9.10
#